data_2X26
#
_entry.id   2X26
#
_cell.length_a   40.891
_cell.length_b   96.026
_cell.length_c   142.401
_cell.angle_alpha   90.00
_cell.angle_beta   90.00
_cell.angle_gamma   90.00
#
_symmetry.space_group_name_H-M   'P 21 21 21'
#
loop_
_entity.id
_entity.type
_entity.pdbx_description
1 polymer 'PERIPLASMIC ALIPHATIC SULPHONATES-BINDING PROTEIN'
2 non-polymer GLYCEROL
3 water water
#
_entity_poly.entity_id   1
_entity_poly.type   'polypeptide(L)'
_entity_poly.pdbx_seq_one_letter_code
;SPEALRIGYQKGSIGMVLAKSHQLLEKRYPESKISWVEFPAGPQMLEALNVGSIDLGSTGDIPPIFAQAAGADLVYVGVE
PPKPKAEVILVAENSPIKTVADLKGHKVAFQKGSSSHNLLLRALRQAGLKFTDIQPTYLTPADARAAFQQGNVDAWAIWD
PYYSAALLQGGVRVLKDGTDLNQTGSFYLAARPYAEKNGAFIQGVLATFSEADALTRSQREQSIALLAKTMGLPAPVIAS
YLDHRPPTTIKPVNAEVAALQQQTADLFYENRLVPKKVDIRQRIWQPTQLEGKQLEFRVPGNENLYFQ
;
_entity_poly.pdbx_strand_id   A,B
#
# COMPACT_ATOMS: atom_id res chain seq x y z
N SER A 1 -30.52 -1.12 9.45
CA SER A 1 -29.34 -1.63 8.67
C SER A 1 -29.44 -3.15 8.38
N PRO A 2 -28.95 -3.57 7.21
CA PRO A 2 -29.09 -4.97 6.83
C PRO A 2 -28.04 -5.86 7.52
N GLU A 3 -28.22 -7.18 7.40
CA GLU A 3 -27.29 -8.14 7.98
CA GLU A 3 -27.30 -8.16 7.97
C GLU A 3 -25.87 -8.00 7.42
N ALA A 4 -25.78 -7.63 6.14
CA ALA A 4 -24.49 -7.51 5.48
C ALA A 4 -24.53 -6.48 4.36
N LEU A 5 -23.34 -5.93 4.13
CA LEU A 5 -23.11 -5.02 3.05
C LEU A 5 -21.78 -5.45 2.45
N ARG A 6 -21.87 -5.97 1.23
CA ARG A 6 -20.68 -6.41 0.45
C ARG A 6 -20.41 -5.39 -0.63
N ILE A 7 -19.23 -4.78 -0.54
CA ILE A 7 -18.94 -3.59 -1.35
C ILE A 7 -17.93 -3.89 -2.44
N GLY A 8 -18.30 -3.63 -3.67
CA GLY A 8 -17.33 -3.70 -4.79
C GLY A 8 -16.66 -2.36 -4.99
N TYR A 9 -15.33 -2.35 -4.98
CA TYR A 9 -14.61 -1.05 -5.15
C TYR A 9 -13.44 -1.25 -6.13
N GLN A 10 -12.89 -0.13 -6.64
CA GLN A 10 -11.70 -0.16 -7.49
C GLN A 10 -10.64 0.68 -6.79
N LYS A 11 -9.42 0.49 -7.18
CA LYS A 11 -8.33 1.30 -6.57
C LYS A 11 -8.59 2.80 -6.58
N GLY A 12 -9.24 3.28 -7.63
CA GLY A 12 -9.57 4.70 -7.79
C GLY A 12 -10.91 5.14 -7.26
N SER A 13 -11.60 4.24 -6.53
CA SER A 13 -12.89 4.59 -5.89
C SER A 13 -12.50 5.27 -4.56
N ILE A 14 -12.13 6.56 -4.65
CA ILE A 14 -11.46 7.23 -3.50
C ILE A 14 -12.26 7.24 -2.24
N GLY A 15 -13.55 7.57 -2.35
CA GLY A 15 -14.45 7.59 -1.16
C GLY A 15 -14.45 6.21 -0.49
N MET A 16 -14.64 5.16 -1.32
CA MET A 16 -14.64 3.80 -0.80
C MET A 16 -13.30 3.43 -0.16
N VAL A 17 -12.22 3.71 -0.83
CA VAL A 17 -10.88 3.26 -0.37
C VAL A 17 -10.53 3.96 0.96
N LEU A 18 -10.79 5.27 1.04
CA LEU A 18 -10.53 5.98 2.30
CA LEU A 18 -10.56 6.00 2.29
C LEU A 18 -11.49 5.52 3.40
N ALA A 19 -12.77 5.30 3.06
CA ALA A 19 -13.70 4.76 4.09
C ALA A 19 -13.22 3.41 4.63
N LYS A 20 -12.78 2.56 3.72
CA LYS A 20 -12.29 1.23 4.09
C LYS A 20 -11.07 1.33 5.00
N SER A 21 -10.12 2.16 4.60
CA SER A 21 -8.87 2.31 5.34
CA SER A 21 -8.86 2.33 5.33
C SER A 21 -9.13 2.83 6.75
N HIS A 22 -10.07 3.77 6.87
CA HIS A 22 -10.38 4.35 8.17
C HIS A 22 -11.40 3.57 8.97
N GLN A 23 -11.86 2.44 8.41
CA GLN A 23 -12.85 1.58 9.05
C GLN A 23 -14.14 2.31 9.43
N LEU A 24 -14.51 3.31 8.65
CA LEU A 24 -15.67 4.14 9.00
C LEU A 24 -16.99 3.37 9.02
N LEU A 25 -17.20 2.47 8.05
CA LEU A 25 -18.45 1.70 8.01
C LEU A 25 -18.52 0.68 9.12
N GLU A 26 -17.40 0.03 9.39
CA GLU A 26 -17.37 -0.95 10.46
C GLU A 26 -17.74 -0.28 11.78
N LYS A 27 -17.24 0.93 12.01
CA LYS A 27 -17.51 1.63 13.24
C LYS A 27 -18.92 2.20 13.25
N ARG A 28 -19.40 2.72 12.08
CA ARG A 28 -20.75 3.31 12.08
C ARG A 28 -21.90 2.35 12.14
N TYR A 29 -21.72 1.18 11.56
CA TYR A 29 -22.71 0.15 11.48
C TYR A 29 -22.15 -1.18 12.14
N PRO A 30 -21.99 -1.19 13.47
CA PRO A 30 -21.37 -2.36 14.13
C PRO A 30 -22.23 -3.63 14.03
N GLU A 31 -23.46 -3.46 13.58
CA GLU A 31 -24.40 -4.54 13.50
C GLU A 31 -24.50 -5.15 12.11
N SER A 32 -23.72 -4.62 11.17
CA SER A 32 -23.72 -5.14 9.83
C SER A 32 -22.38 -5.72 9.62
N LYS A 33 -22.37 -6.81 8.91
CA LYS A 33 -21.13 -7.40 8.43
CA LYS A 33 -21.13 -7.42 8.42
C LYS A 33 -20.70 -6.67 7.15
N ILE A 34 -19.67 -5.82 7.28
CA ILE A 34 -19.17 -5.04 6.16
C ILE A 34 -18.06 -5.86 5.52
N SER A 35 -18.12 -6.05 4.21
CA SER A 35 -17.01 -6.69 3.47
C SER A 35 -16.66 -5.93 2.16
N TRP A 36 -15.42 -6.07 1.78
CA TRP A 36 -14.87 -5.22 0.71
C TRP A 36 -14.29 -6.18 -0.33
N VAL A 37 -14.61 -5.95 -1.60
CA VAL A 37 -14.11 -6.77 -2.67
C VAL A 37 -13.55 -5.85 -3.73
N GLU A 38 -12.25 -5.96 -3.94
CA GLU A 38 -11.59 -5.14 -4.95
C GLU A 38 -11.72 -5.77 -6.33
N PHE A 39 -12.16 -4.98 -7.30
CA PHE A 39 -12.23 -5.43 -8.69
C PHE A 39 -11.24 -4.71 -9.60
N PRO A 40 -10.84 -5.34 -10.69
CA PRO A 40 -9.85 -4.70 -11.57
C PRO A 40 -10.44 -3.62 -12.48
N ALA A 41 -11.76 -3.63 -12.66
CA ALA A 41 -12.46 -2.63 -13.49
C ALA A 41 -13.99 -2.72 -13.26
N GLY A 42 -14.72 -1.69 -13.73
CA GLY A 42 -16.18 -1.62 -13.52
C GLY A 42 -16.97 -2.83 -14.07
N PRO A 43 -16.65 -3.28 -15.31
CA PRO A 43 -17.43 -4.36 -15.89
C PRO A 43 -17.44 -5.63 -15.05
N GLN A 44 -16.29 -6.07 -14.58
CA GLN A 44 -16.20 -7.23 -13.70
C GLN A 44 -17.00 -7.01 -12.42
N MET A 45 -16.95 -5.79 -11.87
CA MET A 45 -17.72 -5.49 -10.65
CA MET A 45 -17.71 -5.52 -10.66
C MET A 45 -19.21 -5.62 -10.94
N LEU A 46 -19.64 -5.16 -12.11
CA LEU A 46 -21.08 -5.13 -12.37
C LEU A 46 -21.62 -6.54 -12.62
N GLU A 47 -20.77 -7.41 -13.17
CA GLU A 47 -21.07 -8.82 -13.28
C GLU A 47 -21.37 -9.41 -11.91
N ALA A 48 -20.53 -9.10 -10.93
CA ALA A 48 -20.75 -9.55 -9.57
C ALA A 48 -22.03 -8.96 -8.98
N LEU A 49 -22.27 -7.68 -9.22
CA LEU A 49 -23.49 -7.08 -8.75
C LEU A 49 -24.71 -7.77 -9.33
N ASN A 50 -24.61 -8.15 -10.60
CA ASN A 50 -25.71 -8.75 -11.29
C ASN A 50 -26.02 -10.22 -10.94
N VAL A 51 -25.01 -10.95 -10.45
CA VAL A 51 -25.23 -12.30 -9.95
C VAL A 51 -25.52 -12.26 -8.47
N GLY A 52 -25.36 -11.09 -7.85
CA GLY A 52 -25.78 -10.88 -6.45
C GLY A 52 -24.68 -11.19 -5.45
N SER A 53 -23.41 -11.23 -5.87
CA SER A 53 -22.37 -11.58 -4.90
C SER A 53 -21.81 -10.34 -4.19
N ILE A 54 -22.20 -9.15 -4.65
CA ILE A 54 -21.93 -7.91 -3.89
C ILE A 54 -23.23 -7.07 -3.92
N ASP A 55 -23.34 -6.08 -3.04
CA ASP A 55 -24.57 -5.33 -2.93
C ASP A 55 -24.46 -3.88 -3.41
N LEU A 56 -23.26 -3.33 -3.45
CA LEU A 56 -23.09 -1.90 -3.77
C LEU A 56 -21.77 -1.80 -4.48
N GLY A 57 -21.72 -0.99 -5.54
CA GLY A 57 -20.47 -0.83 -6.29
C GLY A 57 -20.24 0.57 -6.84
N SER A 58 -18.96 0.90 -7.05
CA SER A 58 -18.56 2.17 -7.61
C SER A 58 -17.97 1.94 -9.02
N THR A 59 -18.43 2.69 -10.01
CA THR A 59 -17.88 2.62 -11.38
CA THR A 59 -17.87 2.62 -11.35
C THR A 59 -18.06 3.98 -12.04
N GLY A 60 -17.41 4.15 -13.18
CA GLY A 60 -17.58 5.34 -14.00
C GLY A 60 -18.90 5.33 -14.72
N ASP A 61 -19.09 6.29 -15.62
CA ASP A 61 -20.37 6.40 -16.32
C ASP A 61 -20.56 5.34 -17.44
N ILE A 62 -19.47 4.74 -17.91
CA ILE A 62 -19.59 3.85 -19.04
C ILE A 62 -20.01 2.40 -18.71
N PRO A 63 -19.33 1.72 -17.75
CA PRO A 63 -19.71 0.32 -17.52
C PRO A 63 -21.20 0.06 -17.30
N PRO A 64 -21.93 0.92 -16.56
CA PRO A 64 -23.34 0.63 -16.34
C PRO A 64 -24.16 0.60 -17.61
N ILE A 65 -23.76 1.38 -18.61
CA ILE A 65 -24.53 1.39 -19.87
C ILE A 65 -24.44 0.00 -20.50
N PHE A 66 -23.25 -0.57 -20.55
CA PHE A 66 -23.12 -1.98 -21.05
C PHE A 66 -23.99 -2.98 -20.29
N ALA A 67 -23.97 -2.91 -18.97
CA ALA A 67 -24.75 -3.88 -18.17
C ALA A 67 -26.26 -3.68 -18.37
N GLN A 68 -26.70 -2.41 -18.40
CA GLN A 68 -28.11 -2.15 -18.46
C GLN A 68 -28.61 -2.48 -19.85
N ALA A 69 -27.77 -2.24 -20.85
CA ALA A 69 -28.19 -2.52 -22.22
C ALA A 69 -28.44 -4.01 -22.40
N ALA A 70 -27.76 -4.79 -21.59
CA ALA A 70 -27.95 -6.28 -21.54
C ALA A 70 -29.09 -6.76 -20.62
N GLY A 71 -29.88 -5.83 -20.13
CA GLY A 71 -31.02 -6.20 -19.29
C GLY A 71 -30.75 -6.21 -17.78
N ALA A 72 -29.55 -5.87 -17.31
CA ALA A 72 -29.36 -5.87 -15.86
C ALA A 72 -30.23 -4.78 -15.23
N ASP A 73 -30.86 -5.09 -14.11
CA ASP A 73 -31.79 -4.14 -13.48
C ASP A 73 -31.06 -3.30 -12.42
N LEU A 74 -29.79 -3.06 -12.62
CA LEU A 74 -28.99 -2.34 -11.61
C LEU A 74 -29.32 -0.86 -11.60
N VAL A 75 -29.49 -0.27 -10.43
CA VAL A 75 -29.99 1.10 -10.35
C VAL A 75 -28.88 2.01 -9.92
N TYR A 76 -28.93 3.27 -10.42
CA TYR A 76 -28.00 4.30 -9.99
C TYR A 76 -28.51 4.87 -8.66
N VAL A 77 -27.75 4.65 -7.61
CA VAL A 77 -28.14 5.13 -6.29
C VAL A 77 -27.49 6.49 -5.95
N GLY A 78 -26.39 6.84 -6.60
CA GLY A 78 -25.68 8.09 -6.26
C GLY A 78 -24.75 8.47 -7.38
N VAL A 79 -24.42 9.76 -7.46
CA VAL A 79 -23.47 10.24 -8.50
C VAL A 79 -22.48 11.23 -7.88
N GLU A 80 -21.24 11.18 -8.35
CA GLU A 80 -20.17 12.13 -7.95
C GLU A 80 -19.90 13.06 -9.15
N PRO A 81 -19.30 14.23 -8.90
CA PRO A 81 -19.07 15.16 -10.03
C PRO A 81 -18.08 14.59 -11.02
N PRO A 82 -18.16 15.02 -12.27
CA PRO A 82 -17.16 14.61 -13.23
C PRO A 82 -15.77 15.17 -12.90
N LYS A 83 -14.74 14.55 -13.48
CA LYS A 83 -13.36 14.97 -13.26
C LYS A 83 -12.77 15.33 -14.61
N PRO A 84 -13.14 16.50 -15.15
CA PRO A 84 -12.67 16.81 -16.54
C PRO A 84 -11.16 16.95 -16.68
N LYS A 85 -10.49 17.36 -15.60
CA LYS A 85 -9.04 17.54 -15.60
C LYS A 85 -8.24 16.25 -15.46
N ALA A 86 -8.96 15.15 -15.22
CA ALA A 86 -8.38 13.85 -14.99
C ALA A 86 -8.50 12.92 -16.22
N GLU A 87 -9.19 13.37 -17.26
CA GLU A 87 -9.45 12.52 -18.45
C GLU A 87 -8.89 13.29 -19.66
N VAL A 88 -7.87 12.77 -20.34
CA VAL A 88 -7.08 13.57 -21.31
C VAL A 88 -6.71 12.89 -22.63
N ILE A 89 -6.40 13.70 -23.65
CA ILE A 89 -5.63 13.26 -24.80
C ILE A 89 -4.23 13.86 -24.70
N LEU A 90 -3.22 12.98 -24.68
CA LEU A 90 -1.84 13.41 -24.58
C LEU A 90 -1.14 13.33 -25.90
N VAL A 91 -0.27 14.30 -26.13
CA VAL A 91 0.67 14.24 -27.26
C VAL A 91 2.01 14.55 -26.71
N ALA A 92 3.06 14.36 -27.51
CA ALA A 92 4.41 14.77 -27.06
C ALA A 92 4.49 16.29 -26.98
N GLU A 93 5.22 16.87 -26.02
CA GLU A 93 5.30 18.34 -25.85
CA GLU A 93 5.24 18.35 -25.85
C GLU A 93 5.45 19.15 -27.13
N ASN A 94 6.49 18.79 -27.91
CA ASN A 94 6.86 19.54 -29.09
C ASN A 94 6.21 18.99 -30.37
N SER A 95 5.16 18.18 -30.18
CA SER A 95 4.36 17.70 -31.30
C SER A 95 3.81 18.90 -32.09
N PRO A 96 3.83 18.82 -33.43
CA PRO A 96 3.15 19.82 -34.26
C PRO A 96 1.63 19.78 -34.12
N ILE A 97 1.09 18.73 -33.51
CA ILE A 97 -0.36 18.67 -33.18
C ILE A 97 -0.69 19.66 -32.04
N LYS A 98 -1.47 20.69 -32.37
CA LYS A 98 -1.75 21.74 -31.40
CA LYS A 98 -1.76 21.76 -31.42
C LYS A 98 -3.22 21.76 -30.98
N THR A 99 -4.09 21.17 -31.81
CA THR A 99 -5.53 21.13 -31.52
C THR A 99 -6.06 19.74 -31.80
N VAL A 100 -7.27 19.45 -31.35
CA VAL A 100 -7.86 18.13 -31.67
C VAL A 100 -8.06 17.93 -33.17
N ALA A 101 -8.42 19.01 -33.84
CA ALA A 101 -8.50 18.99 -35.29
C ALA A 101 -7.21 18.49 -35.93
N ASP A 102 -6.06 18.79 -35.32
CA ASP A 102 -4.81 18.35 -35.92
C ASP A 102 -4.60 16.85 -35.86
N LEU A 103 -5.43 16.13 -35.12
CA LEU A 103 -5.35 14.66 -35.11
C LEU A 103 -5.80 14.00 -36.40
N LYS A 104 -6.52 14.72 -37.27
CA LYS A 104 -6.98 14.15 -38.56
C LYS A 104 -5.84 13.36 -39.22
N GLY A 105 -6.11 12.11 -39.58
CA GLY A 105 -5.13 11.30 -40.30
C GLY A 105 -4.09 10.60 -39.42
N HIS A 106 -4.10 10.88 -38.13
CA HIS A 106 -3.08 10.32 -37.21
C HIS A 106 -3.55 9.12 -36.40
N LYS A 107 -2.60 8.40 -35.77
CA LYS A 107 -2.91 7.24 -34.96
C LYS A 107 -3.13 7.66 -33.50
N VAL A 108 -4.28 7.26 -32.96
CA VAL A 108 -4.59 7.60 -31.59
C VAL A 108 -4.83 6.30 -30.80
N ALA A 109 -4.08 6.08 -29.71
CA ALA A 109 -4.29 4.89 -28.90
C ALA A 109 -5.28 5.18 -27.78
N PHE A 110 -6.12 4.20 -27.47
CA PHE A 110 -7.06 4.22 -26.32
C PHE A 110 -7.72 2.87 -26.17
N GLN A 111 -8.38 2.61 -25.04
CA GLN A 111 -9.07 1.33 -24.82
C GLN A 111 -10.47 1.36 -25.40
N LYS A 112 -10.80 0.36 -26.24
CA LYS A 112 -12.13 0.33 -26.85
C LYS A 112 -13.18 0.24 -25.75
N GLY A 113 -14.24 1.05 -25.89
CA GLY A 113 -15.38 0.94 -25.00
C GLY A 113 -15.19 1.66 -23.69
N SER A 114 -14.02 2.27 -23.50
CA SER A 114 -13.66 2.90 -22.20
C SER A 114 -14.11 4.39 -22.11
N SER A 115 -13.89 5.00 -20.97
CA SER A 115 -14.13 6.46 -20.81
C SER A 115 -13.29 7.26 -21.85
N SER A 116 -12.10 6.77 -22.23
CA SER A 116 -11.29 7.46 -23.25
C SER A 116 -11.92 7.37 -24.67
N HIS A 117 -12.58 6.24 -24.99
CA HIS A 117 -13.30 6.08 -26.27
C HIS A 117 -14.41 7.15 -26.28
N ASN A 118 -15.10 7.35 -25.16
CA ASN A 118 -16.19 8.33 -25.11
C ASN A 118 -15.61 9.73 -25.29
N LEU A 119 -14.51 10.02 -24.58
CA LEU A 119 -13.90 11.37 -24.63
C LEU A 119 -13.49 11.63 -26.07
N LEU A 120 -12.89 10.64 -26.70
CA LEU A 120 -12.35 10.81 -28.04
C LEU A 120 -13.43 11.00 -29.07
N LEU A 121 -14.51 10.20 -29.04
CA LEU A 121 -15.66 10.43 -29.94
C LEU A 121 -16.18 11.86 -29.81
N ARG A 122 -16.35 12.34 -28.56
CA ARG A 122 -16.86 13.69 -28.33
C ARG A 122 -15.92 14.82 -28.71
N ALA A 123 -14.64 14.65 -28.40
CA ALA A 123 -13.62 15.63 -28.78
C ALA A 123 -13.53 15.74 -30.30
N LEU A 124 -13.48 14.58 -30.99
CA LEU A 124 -13.39 14.60 -32.44
C LEU A 124 -14.61 15.26 -33.04
N ARG A 125 -15.77 14.96 -32.48
CA ARG A 125 -17.04 15.53 -32.99
C ARG A 125 -17.04 17.05 -32.92
N GLN A 126 -16.50 17.61 -31.84
CA GLN A 126 -16.38 19.07 -31.73
C GLN A 126 -15.58 19.66 -32.87
N ALA A 127 -14.50 18.95 -33.26
CA ALA A 127 -13.58 19.40 -34.30
C ALA A 127 -14.03 18.98 -35.70
N GLY A 128 -15.27 18.47 -35.77
CA GLY A 128 -15.90 18.12 -37.05
C GLY A 128 -15.30 16.86 -37.63
N LEU A 129 -14.93 15.91 -36.76
CA LEU A 129 -14.30 14.65 -37.19
C LEU A 129 -15.02 13.42 -36.67
N LYS A 130 -14.82 12.29 -37.36
CA LYS A 130 -15.35 11.01 -36.89
C LYS A 130 -14.18 9.99 -36.76
N PHE A 131 -14.44 8.80 -36.25
CA PHE A 131 -13.38 7.78 -36.15
C PHE A 131 -12.82 7.38 -37.50
N THR A 132 -13.58 7.62 -38.56
CA THR A 132 -13.10 7.29 -39.91
C THR A 132 -12.13 8.35 -40.39
N ASP A 133 -11.94 9.41 -39.59
CA ASP A 133 -11.06 10.52 -39.97
C ASP A 133 -9.68 10.38 -39.30
N ILE A 134 -9.55 9.44 -38.36
CA ILE A 134 -8.24 9.08 -37.77
C ILE A 134 -8.00 7.57 -37.91
N GLN A 135 -6.92 7.08 -37.31
CA GLN A 135 -6.65 5.66 -37.23
CA GLN A 135 -6.70 5.64 -37.22
C GLN A 135 -6.80 5.17 -35.77
N PRO A 136 -8.01 4.72 -35.37
CA PRO A 136 -8.20 4.36 -33.95
C PRO A 136 -7.42 3.15 -33.67
N THR A 137 -6.72 3.17 -32.54
CA THR A 137 -5.73 2.14 -32.26
C THR A 137 -6.10 1.55 -30.89
N TYR A 138 -6.80 0.42 -30.91
CA TYR A 138 -7.49 -0.07 -29.71
C TYR A 138 -6.51 -0.83 -28.83
N LEU A 139 -6.15 -0.27 -27.67
CA LEU A 139 -5.11 -0.87 -26.82
C LEU A 139 -5.42 -0.63 -25.35
N THR A 140 -5.09 -1.58 -24.49
CA THR A 140 -5.25 -1.36 -23.05
C THR A 140 -4.11 -0.45 -22.56
N PRO A 141 -4.23 0.12 -21.35
CA PRO A 141 -3.28 1.19 -21.01
C PRO A 141 -1.82 0.76 -21.06
N ALA A 142 -1.45 -0.43 -20.57
CA ALA A 142 -0.04 -0.85 -20.61
C ALA A 142 0.49 -0.93 -22.03
N ASP A 143 -0.32 -1.51 -22.94
CA ASP A 143 0.06 -1.63 -24.35
C ASP A 143 0.12 -0.27 -25.05
N ALA A 144 -0.83 0.63 -24.69
CA ALA A 144 -0.86 1.94 -25.25
C ALA A 144 0.31 2.82 -24.80
N ARG A 145 0.66 2.72 -23.51
CA ARG A 145 1.77 3.47 -22.91
C ARG A 145 3.06 3.17 -23.68
N ALA A 146 3.28 1.90 -23.97
CA ALA A 146 4.47 1.48 -24.71
C ALA A 146 4.49 2.04 -26.12
N ALA A 147 3.37 1.91 -26.83
CA ALA A 147 3.28 2.36 -28.19
C ALA A 147 3.56 3.86 -28.31
N PHE A 148 3.00 4.62 -27.37
CA PHE A 148 3.15 6.08 -27.30
C PHE A 148 4.64 6.44 -27.04
N GLN A 149 5.26 5.75 -26.08
CA GLN A 149 6.70 5.99 -25.80
CA GLN A 149 6.71 5.96 -25.78
C GLN A 149 7.61 5.66 -26.98
N GLN A 150 7.21 4.68 -27.77
CA GLN A 150 8.00 4.24 -28.93
C GLN A 150 7.70 4.98 -30.25
N GLY A 151 6.84 6.00 -30.12
CA GLY A 151 6.41 6.87 -31.24
C GLY A 151 5.59 6.12 -32.27
N ASN A 152 4.93 5.04 -31.83
CA ASN A 152 4.09 4.24 -32.72
C ASN A 152 2.66 4.78 -32.89
N VAL A 153 2.23 5.64 -31.95
CA VAL A 153 1.01 6.42 -32.14
C VAL A 153 1.35 7.88 -31.84
N ASP A 154 0.52 8.80 -32.31
CA ASP A 154 0.81 10.21 -32.08
C ASP A 154 0.14 10.80 -30.87
N ALA A 155 -0.88 10.14 -30.37
CA ALA A 155 -1.64 10.63 -29.24
C ALA A 155 -2.19 9.44 -28.45
N TRP A 156 -2.44 9.66 -27.16
CA TRP A 156 -2.92 8.63 -26.25
C TRP A 156 -4.05 9.23 -25.41
N ALA A 157 -5.23 8.67 -25.56
CA ALA A 157 -6.37 9.15 -24.77
C ALA A 157 -6.47 8.21 -23.59
N ILE A 158 -6.37 8.77 -22.38
CA ILE A 158 -6.23 7.98 -21.15
C ILE A 158 -6.69 8.73 -19.90
N TRP A 159 -6.99 7.96 -18.84
CA TRP A 159 -7.45 8.50 -17.57
C TRP A 159 -6.34 8.50 -16.50
N ASP A 160 -6.59 9.19 -15.41
CA ASP A 160 -5.70 9.17 -14.25
C ASP A 160 -5.87 7.84 -13.51
N PRO A 161 -4.79 7.29 -12.94
CA PRO A 161 -3.47 7.93 -12.71
C PRO A 161 -2.42 7.72 -13.82
N TYR A 162 -2.76 7.04 -14.90
CA TYR A 162 -1.81 6.87 -16.00
C TYR A 162 -1.39 8.24 -16.52
N TYR A 163 -2.37 9.13 -16.60
CA TYR A 163 -2.14 10.48 -17.08
C TYR A 163 -1.07 11.12 -16.20
N SER A 164 -1.27 11.12 -14.89
CA SER A 164 -0.35 11.81 -14.00
C SER A 164 1.01 11.14 -14.07
N ALA A 165 1.03 9.82 -14.18
CA ALA A 165 2.33 9.11 -14.26
C ALA A 165 3.13 9.54 -15.50
N ALA A 166 2.44 9.63 -16.65
CA ALA A 166 3.06 10.03 -17.92
C ALA A 166 3.52 11.48 -17.84
N LEU A 167 2.68 12.32 -17.27
CA LEU A 167 2.97 13.73 -17.13
C LEU A 167 4.27 13.99 -16.36
N LEU A 168 4.45 13.27 -15.27
CA LEU A 168 5.60 13.52 -14.39
C LEU A 168 6.90 12.98 -14.94
N GLN A 169 6.80 12.02 -15.86
CA GLN A 169 7.96 11.47 -16.57
CA GLN A 169 8.00 11.51 -16.51
C GLN A 169 8.48 12.48 -17.57
N GLY A 170 7.62 13.44 -17.93
CA GLY A 170 7.99 14.56 -18.76
C GLY A 170 7.84 14.25 -20.24
N GLY A 171 7.92 15.30 -21.04
CA GLY A 171 7.90 15.11 -22.48
C GLY A 171 6.52 15.13 -23.10
N VAL A 172 5.48 15.14 -22.26
CA VAL A 172 4.10 15.11 -22.77
C VAL A 172 3.28 16.33 -22.38
N ARG A 173 2.21 16.52 -23.14
CA ARG A 173 1.36 17.68 -23.03
C ARG A 173 -0.10 17.25 -23.23
N VAL A 174 -0.95 17.82 -22.44
CA VAL A 174 -2.40 17.61 -22.62
C VAL A 174 -2.87 18.40 -23.85
N LEU A 175 -3.31 17.70 -24.89
CA LEU A 175 -3.92 18.34 -26.07
C LEU A 175 -5.36 18.78 -25.77
N LYS A 176 -6.05 17.98 -24.98
CA LYS A 176 -7.47 18.20 -24.74
C LYS A 176 -7.84 17.48 -23.44
N ASP A 177 -8.59 18.14 -22.56
CA ASP A 177 -9.16 17.40 -21.42
C ASP A 177 -10.69 17.45 -21.51
N GLY A 178 -11.37 16.99 -20.48
CA GLY A 178 -12.83 16.84 -20.61
C GLY A 178 -13.62 18.08 -20.32
N THR A 179 -12.92 19.21 -20.18
CA THR A 179 -13.49 20.41 -19.59
C THR A 179 -14.72 20.96 -20.27
N ASP A 180 -14.66 21.07 -21.58
CA ASP A 180 -15.78 21.67 -22.28
CA ASP A 180 -15.81 21.65 -22.27
C ASP A 180 -16.62 20.55 -22.94
N LEU A 181 -16.42 19.31 -22.45
CA LEU A 181 -17.08 18.11 -22.98
C LEU A 181 -18.30 17.65 -22.20
N ASN A 182 -18.76 18.52 -21.27
CA ASN A 182 -19.95 18.27 -20.41
CA ASN A 182 -19.97 18.27 -20.46
C ASN A 182 -20.05 16.82 -20.00
N GLN A 183 -19.11 16.42 -19.16
CA GLN A 183 -19.09 15.09 -18.63
C GLN A 183 -20.15 14.82 -17.54
N THR A 184 -20.42 13.54 -17.29
CA THR A 184 -21.56 13.13 -16.45
C THR A 184 -21.26 12.94 -14.94
N GLY A 185 -20.15 12.28 -14.67
CA GLY A 185 -19.81 11.99 -13.27
C GLY A 185 -19.59 10.46 -13.09
N SER A 186 -19.23 10.02 -11.89
CA SER A 186 -19.12 8.57 -11.66
CA SER A 186 -19.08 8.57 -11.63
C SER A 186 -20.23 8.15 -10.75
N PHE A 187 -20.49 6.86 -10.71
CA PHE A 187 -21.73 6.38 -10.07
C PHE A 187 -21.55 5.34 -8.98
N TYR A 188 -22.57 5.25 -8.12
CA TYR A 188 -22.72 4.14 -7.20
C TYR A 188 -23.94 3.40 -7.65
N LEU A 189 -23.82 2.07 -7.75
CA LEU A 189 -24.93 1.23 -8.18
C LEU A 189 -25.26 0.14 -7.17
N ALA A 190 -26.53 -0.28 -7.18
CA ALA A 190 -26.98 -1.41 -6.37
C ALA A 190 -28.05 -2.16 -7.12
N ALA A 191 -28.37 -3.38 -6.68
CA ALA A 191 -29.59 -4.01 -7.15
C ALA A 191 -30.83 -3.30 -6.59
N ARG A 192 -31.87 -3.19 -7.42
CA ARG A 192 -33.04 -2.45 -6.97
C ARG A 192 -33.67 -2.96 -5.67
N PRO A 193 -33.77 -4.29 -5.48
CA PRO A 193 -34.42 -4.73 -4.26
C PRO A 193 -33.62 -4.36 -3.03
N TYR A 194 -32.28 -4.35 -3.14
CA TYR A 194 -31.45 -3.99 -1.99
C TYR A 194 -31.58 -2.53 -1.67
N ALA A 195 -31.63 -1.70 -2.70
CA ALA A 195 -31.76 -0.25 -2.49
C ALA A 195 -33.15 0.05 -1.85
N GLU A 196 -34.19 -0.62 -2.35
CA GLU A 196 -35.54 -0.36 -1.85
CA GLU A 196 -35.60 -0.46 -1.88
C GLU A 196 -35.75 -0.84 -0.42
N LYS A 197 -35.13 -1.97 -0.07
CA LYS A 197 -35.20 -2.54 1.26
C LYS A 197 -34.35 -1.77 2.25
N ASN A 198 -33.26 -1.17 1.78
CA ASN A 198 -32.27 -0.58 2.70
C ASN A 198 -32.00 0.91 2.40
N GLY A 199 -33.06 1.65 2.11
CA GLY A 199 -32.93 3.05 1.64
C GLY A 199 -32.17 3.96 2.55
N ALA A 200 -32.59 4.04 3.83
CA ALA A 200 -31.93 4.92 4.81
C ALA A 200 -30.47 4.53 4.95
N PHE A 201 -30.21 3.22 5.03
CA PHE A 201 -28.87 2.65 5.18
C PHE A 201 -27.95 3.07 4.06
N ILE A 202 -28.42 2.93 2.83
CA ILE A 202 -27.60 3.27 1.67
C ILE A 202 -27.26 4.76 1.67
N GLN A 203 -28.22 5.58 2.06
CA GLN A 203 -27.98 7.00 2.08
C GLN A 203 -26.87 7.35 3.05
N GLY A 204 -26.85 6.65 4.17
CA GLY A 204 -25.89 6.89 5.23
C GLY A 204 -24.56 6.36 4.76
N VAL A 205 -24.59 5.23 4.04
CA VAL A 205 -23.33 4.64 3.54
C VAL A 205 -22.68 5.62 2.55
N LEU A 206 -23.47 6.10 1.60
CA LEU A 206 -22.94 7.03 0.59
C LEU A 206 -22.43 8.32 1.25
N ALA A 207 -23.14 8.79 2.27
CA ALA A 207 -22.74 10.00 2.97
C ALA A 207 -21.39 9.78 3.63
N THR A 208 -21.17 8.54 4.16
CA THR A 208 -19.90 8.13 4.73
C THR A 208 -18.78 8.14 3.68
N PHE A 209 -19.03 7.63 2.47
CA PHE A 209 -17.99 7.69 1.41
C PHE A 209 -17.65 9.13 1.07
N SER A 210 -18.66 9.99 1.06
CA SER A 210 -18.37 11.42 0.75
C SER A 210 -17.52 12.06 1.87
N GLU A 211 -17.80 11.76 3.14
CA GLU A 211 -16.95 12.23 4.26
C GLU A 211 -15.52 11.70 4.13
N ALA A 212 -15.43 10.44 3.72
CA ALA A 212 -14.13 9.81 3.56
C ALA A 212 -13.35 10.45 2.42
N ASP A 213 -14.02 10.78 1.30
CA ASP A 213 -13.35 11.44 0.18
C ASP A 213 -12.78 12.79 0.65
N ALA A 214 -13.51 13.47 1.52
CA ALA A 214 -13.07 14.81 2.02
C ALA A 214 -11.74 14.76 2.82
N LEU A 215 -11.44 13.57 3.37
CA LEU A 215 -10.15 13.38 4.04
C LEU A 215 -9.00 13.64 3.10
N THR A 216 -9.19 13.43 1.78
CA THR A 216 -8.11 13.72 0.84
C THR A 216 -7.76 15.21 0.84
N ARG A 217 -8.68 16.07 1.29
CA ARG A 217 -8.35 17.50 1.44
CA ARG A 217 -8.33 17.49 1.43
C ARG A 217 -7.95 17.85 2.87
N SER A 218 -8.68 17.33 3.85
CA SER A 218 -8.42 17.76 5.25
C SER A 218 -7.21 17.04 5.86
N GLN A 219 -6.89 15.86 5.33
CA GLN A 219 -5.75 15.08 5.78
CA GLN A 219 -5.74 15.09 5.77
C GLN A 219 -4.98 14.65 4.51
N ARG A 220 -4.53 15.64 3.74
CA ARG A 220 -3.89 15.34 2.45
C ARG A 220 -2.60 14.51 2.59
N GLU A 221 -1.73 14.86 3.53
CA GLU A 221 -0.50 14.08 3.69
C GLU A 221 -0.77 12.60 3.97
N GLN A 222 -1.66 12.34 4.91
CA GLN A 222 -2.00 10.97 5.31
C GLN A 222 -2.67 10.25 4.14
N SER A 223 -3.54 10.96 3.44
CA SER A 223 -4.31 10.33 2.36
C SER A 223 -3.35 10.00 1.15
N ILE A 224 -2.36 10.87 0.93
CA ILE A 224 -1.42 10.60 -0.16
C ILE A 224 -0.60 9.36 0.16
N ALA A 225 -0.17 9.23 1.41
CA ALA A 225 0.58 8.06 1.82
C ALA A 225 -0.25 6.77 1.64
N LEU A 226 -1.52 6.84 2.06
CA LEU A 226 -2.43 5.70 1.93
C LEU A 226 -2.60 5.27 0.48
N LEU A 227 -2.92 6.22 -0.40
CA LEU A 227 -3.23 5.90 -1.79
C LEU A 227 -1.95 5.54 -2.56
N ALA A 228 -0.78 6.07 -2.15
CA ALA A 228 0.46 5.66 -2.80
C ALA A 228 0.63 4.17 -2.53
N LYS A 229 0.32 3.73 -1.32
CA LYS A 229 0.46 2.32 -0.94
C LYS A 229 -0.54 1.44 -1.69
N THR A 230 -1.81 1.82 -1.66
CA THR A 230 -2.94 0.99 -2.20
C THR A 230 -2.88 0.96 -3.73
N MET A 231 -2.50 2.07 -4.34
CA MET A 231 -2.38 2.10 -5.78
C MET A 231 -1.07 1.58 -6.27
N GLY A 232 -0.06 1.53 -5.38
CA GLY A 232 1.28 1.16 -5.76
C GLY A 232 1.99 2.17 -6.65
N LEU A 233 1.80 3.47 -6.35
CA LEU A 233 2.38 4.53 -7.19
C LEU A 233 3.21 5.50 -6.35
N PRO A 234 4.18 6.22 -6.96
CA PRO A 234 4.92 7.22 -6.17
C PRO A 234 4.04 8.33 -5.59
N ALA A 235 4.37 8.77 -4.39
CA ALA A 235 3.67 9.93 -3.77
C ALA A 235 3.46 11.13 -4.71
N PRO A 236 4.51 11.61 -5.44
CA PRO A 236 4.18 12.74 -6.35
C PRO A 236 3.14 12.43 -7.42
N VAL A 237 3.05 11.20 -7.88
CA VAL A 237 1.99 10.81 -8.83
C VAL A 237 0.60 10.94 -8.19
N ILE A 238 0.49 10.50 -6.93
CA ILE A 238 -0.77 10.60 -6.14
C ILE A 238 -1.12 12.07 -5.90
N ALA A 239 -0.10 12.89 -5.60
CA ALA A 239 -0.34 14.32 -5.38
C ALA A 239 -1.00 14.96 -6.62
N SER A 240 -0.43 14.71 -7.80
CA SER A 240 -0.95 15.16 -9.10
C SER A 240 -2.35 14.60 -9.32
N TYR A 241 -2.52 13.31 -9.05
CA TYR A 241 -3.82 12.68 -9.18
C TYR A 241 -4.92 13.38 -8.36
N LEU A 242 -4.63 13.69 -7.09
CA LEU A 242 -5.62 14.38 -6.24
C LEU A 242 -5.87 15.81 -6.73
N ASP A 243 -4.81 16.46 -7.23
CA ASP A 243 -4.95 17.82 -7.74
C ASP A 243 -5.86 17.92 -9.01
N HIS A 244 -6.11 16.81 -9.71
CA HIS A 244 -6.99 16.85 -10.89
C HIS A 244 -8.44 16.58 -10.54
N ARG A 245 -8.76 16.43 -9.24
CA ARG A 245 -10.14 16.10 -8.82
C ARG A 245 -10.83 17.29 -8.23
N PRO A 246 -12.11 17.44 -8.55
CA PRO A 246 -12.86 18.51 -7.89
C PRO A 246 -13.26 18.06 -6.47
N PRO A 247 -13.75 18.99 -5.63
CA PRO A 247 -14.30 18.50 -4.36
C PRO A 247 -15.42 17.49 -4.63
N THR A 248 -15.42 16.37 -3.93
CA THR A 248 -16.39 15.33 -4.21
C THR A 248 -17.65 15.57 -3.41
N THR A 249 -18.79 15.32 -4.05
CA THR A 249 -20.06 15.24 -3.37
C THR A 249 -20.65 13.90 -3.86
N ILE A 250 -21.46 13.25 -3.05
CA ILE A 250 -22.28 12.14 -3.56
C ILE A 250 -23.76 12.53 -3.35
N LYS A 251 -24.49 12.58 -4.46
CA LYS A 251 -25.87 13.07 -4.46
C LYS A 251 -26.80 12.11 -5.17
N PRO A 252 -28.10 12.19 -4.82
CA PRO A 252 -29.07 11.50 -5.68
C PRO A 252 -28.89 11.98 -7.09
N VAL A 253 -29.15 11.09 -8.05
CA VAL A 253 -29.04 11.39 -9.45
C VAL A 253 -30.20 12.27 -9.89
N ASN A 254 -29.90 13.49 -10.30
CA ASN A 254 -30.94 14.44 -10.72
C ASN A 254 -31.30 14.33 -12.22
N ALA A 255 -32.30 15.09 -12.65
CA ALA A 255 -32.78 15.06 -14.04
C ALA A 255 -31.71 15.42 -15.06
N GLU A 256 -30.88 16.40 -14.71
CA GLU A 256 -29.78 16.86 -15.57
CA GLU A 256 -29.78 16.88 -15.55
C GLU A 256 -28.75 15.75 -15.80
N VAL A 257 -28.35 15.10 -14.73
CA VAL A 257 -27.33 14.04 -14.84
C VAL A 257 -27.94 12.89 -15.66
N ALA A 258 -29.21 12.58 -15.38
CA ALA A 258 -29.86 11.50 -16.11
C ALA A 258 -29.82 11.75 -17.60
N ALA A 259 -30.14 12.99 -18.01
CA ALA A 259 -30.13 13.37 -19.40
C ALA A 259 -28.74 13.25 -20.00
N LEU A 260 -27.70 13.62 -19.24
CA LEU A 260 -26.31 13.46 -19.78
C LEU A 260 -25.98 11.99 -19.95
N GLN A 261 -26.40 11.18 -18.98
CA GLN A 261 -26.10 9.73 -19.06
C GLN A 261 -26.89 9.15 -20.24
N GLN A 262 -28.11 9.67 -20.47
CA GLN A 262 -28.92 9.15 -21.60
C GLN A 262 -28.22 9.46 -22.91
N GLN A 263 -27.67 10.67 -23.04
CA GLN A 263 -26.94 11.08 -24.24
CA GLN A 263 -26.95 11.05 -24.26
C GLN A 263 -25.80 10.08 -24.52
N THR A 264 -25.03 9.74 -23.49
CA THR A 264 -23.91 8.80 -23.68
C THR A 264 -24.41 7.39 -24.07
N ALA A 265 -25.49 6.96 -23.44
CA ALA A 265 -26.08 5.66 -23.82
C ALA A 265 -26.49 5.69 -25.28
N ASP A 266 -27.11 6.79 -25.70
CA ASP A 266 -27.48 6.92 -27.12
C ASP A 266 -26.26 6.88 -28.04
N LEU A 267 -25.22 7.64 -27.69
CA LEU A 267 -23.97 7.65 -28.46
C LEU A 267 -23.39 6.23 -28.60
N PHE A 268 -23.33 5.50 -27.49
CA PHE A 268 -22.83 4.14 -27.52
C PHE A 268 -23.68 3.19 -28.36
N TYR A 269 -25.02 3.30 -28.25
CA TYR A 269 -25.90 2.49 -29.10
C TYR A 269 -25.71 2.86 -30.58
N GLU A 270 -25.62 4.17 -30.86
CA GLU A 270 -25.51 4.65 -32.26
C GLU A 270 -24.25 4.14 -32.92
N ASN A 271 -23.23 3.89 -32.11
CA ASN A 271 -21.96 3.38 -32.62
C ASN A 271 -21.84 1.88 -32.45
N ARG A 272 -22.97 1.22 -32.23
CA ARG A 272 -23.05 -0.24 -32.04
C ARG A 272 -22.09 -0.82 -30.97
N LEU A 273 -21.73 0.02 -29.99
CA LEU A 273 -20.94 -0.42 -28.83
C LEU A 273 -21.80 -1.22 -27.85
N VAL A 274 -23.09 -0.88 -27.74
CA VAL A 274 -24.05 -1.73 -27.03
C VAL A 274 -25.17 -2.08 -27.97
N PRO A 275 -25.88 -3.21 -27.72
CA PRO A 275 -26.83 -3.71 -28.69
C PRO A 275 -28.21 -3.07 -28.62
N LYS A 276 -28.48 -2.32 -27.53
CA LYS A 276 -29.82 -1.79 -27.25
C LYS A 276 -29.76 -0.35 -26.79
N LYS A 277 -30.80 0.41 -27.11
CA LYS A 277 -31.02 1.70 -26.49
C LYS A 277 -31.44 1.39 -25.05
N VAL A 278 -31.03 2.19 -24.09
CA VAL A 278 -31.44 1.93 -22.71
C VAL A 278 -32.34 3.09 -22.26
N ASP A 279 -33.25 2.85 -21.34
CA ASP A 279 -34.02 3.92 -20.73
C ASP A 279 -33.31 4.29 -19.41
N ILE A 280 -32.33 5.20 -19.44
CA ILE A 280 -31.54 5.45 -18.23
C ILE A 280 -32.41 5.88 -17.05
N ARG A 281 -33.43 6.70 -17.31
CA ARG A 281 -34.25 7.18 -16.21
C ARG A 281 -34.96 6.07 -15.44
N GLN A 282 -35.28 4.96 -16.10
CA GLN A 282 -35.94 3.81 -15.43
C GLN A 282 -35.00 3.17 -14.37
N ARG A 283 -33.69 3.39 -14.55
CA ARG A 283 -32.66 2.81 -13.68
C ARG A 283 -32.21 3.78 -12.58
N ILE A 284 -32.82 4.96 -12.47
CA ILE A 284 -32.47 5.92 -11.42
C ILE A 284 -33.25 5.60 -10.14
N TRP A 285 -32.54 5.38 -9.04
CA TRP A 285 -33.18 5.16 -7.75
C TRP A 285 -33.56 6.49 -7.14
N GLN A 286 -34.85 6.65 -6.88
CA GLN A 286 -35.35 7.77 -6.07
CA GLN A 286 -35.38 7.77 -6.06
C GLN A 286 -35.15 7.40 -4.60
N PRO A 287 -34.35 8.20 -3.88
CA PRO A 287 -34.02 7.82 -2.53
C PRO A 287 -35.28 7.71 -1.65
N THR A 288 -35.32 6.67 -0.83
CA THR A 288 -36.41 6.41 0.09
C THR A 288 -35.78 6.04 1.40
N GLN A 289 -36.60 6.03 2.44
CA GLN A 289 -36.18 5.56 3.74
C GLN A 289 -37.28 4.66 4.31
N LEU A 290 -37.73 3.71 3.50
CA LEU A 290 -38.78 2.75 3.89
C LEU A 290 -38.46 2.01 5.18
N GLU A 291 -39.31 2.22 6.20
CA GLU A 291 -39.27 1.42 7.44
C GLU A 291 -39.78 -0.01 7.21
N GLY A 292 -38.99 -0.99 7.66
CA GLY A 292 -39.37 -2.38 7.51
C GLY A 292 -40.66 -2.64 8.29
N LYS A 293 -41.47 -3.57 7.81
CA LYS A 293 -42.77 -3.82 8.46
C LYS A 293 -42.61 -4.90 9.53
N GLN A 294 -43.29 -4.74 10.65
CA GLN A 294 -43.27 -5.77 11.68
C GLN A 294 -44.71 -6.09 12.11
N LEU A 295 -44.96 -7.37 12.35
CA LEU A 295 -46.25 -7.85 12.83
C LEU A 295 -46.11 -8.00 14.35
N GLU A 296 -46.79 -7.13 15.07
CA GLU A 296 -46.66 -7.08 16.52
C GLU A 296 -48.02 -6.90 17.18
N PHE A 297 -48.20 -7.65 18.27
CA PHE A 297 -49.48 -7.66 19.01
C PHE A 297 -49.18 -7.73 20.48
N ARG A 298 -50.17 -7.46 21.31
CA ARG A 298 -50.04 -7.52 22.75
C ARG A 298 -51.32 -8.12 23.33
N VAL A 299 -51.17 -8.95 24.35
CA VAL A 299 -52.31 -9.53 25.03
C VAL A 299 -52.30 -8.86 26.39
N PRO A 300 -53.14 -7.87 26.58
CA PRO A 300 -53.16 -7.32 27.93
C PRO A 300 -54.03 -8.23 28.81
N GLY A 301 -53.83 -8.21 30.11
CA GLY A 301 -54.75 -8.89 30.99
C GLY A 301 -54.42 -8.47 32.39
N ASN A 302 -54.04 -9.46 33.18
CA ASN A 302 -53.58 -9.23 34.54
CA ASN A 302 -53.61 -9.20 34.53
C ASN A 302 -52.35 -8.33 34.51
N GLU A 303 -52.00 -7.78 35.68
CA GLU A 303 -50.82 -6.96 35.84
CA GLU A 303 -50.79 -7.03 35.92
C GLU A 303 -49.60 -7.52 35.08
N ASN A 304 -48.86 -6.62 34.45
CA ASN A 304 -47.69 -7.06 33.68
C ASN A 304 -46.56 -7.21 34.68
N LEU A 305 -45.89 -8.36 34.67
CA LEU A 305 -44.98 -8.75 35.73
C LEU A 305 -43.52 -8.61 35.25
N TYR A 306 -43.40 -8.02 34.06
CA TYR A 306 -42.11 -7.91 33.30
C TYR A 306 -41.52 -9.24 32.87
N PHE A 307 -41.35 -10.16 33.82
CA PHE A 307 -40.83 -11.47 33.43
C PHE A 307 -41.13 -12.50 34.52
N GLN A 308 -41.93 -13.50 34.17
CA GLN A 308 -42.02 -14.74 34.99
C GLN A 308 -41.95 -16.04 34.12
N SER B 1 15.03 -8.15 -17.33
CA SER B 1 14.45 -7.76 -15.99
C SER B 1 12.93 -7.95 -15.97
N PRO B 2 12.34 -8.44 -14.85
CA PRO B 2 10.90 -8.74 -14.82
C PRO B 2 9.96 -7.52 -14.78
N GLU B 3 8.67 -7.80 -14.83
CA GLU B 3 7.65 -6.76 -15.04
C GLU B 3 7.54 -5.80 -13.84
N ALA B 4 7.54 -6.37 -12.64
CA ALA B 4 7.52 -5.59 -11.40
C ALA B 4 8.49 -6.14 -10.35
N LEU B 5 8.93 -5.22 -9.51
CA LEU B 5 9.68 -5.52 -8.31
C LEU B 5 9.09 -4.62 -7.19
N ARG B 6 8.43 -5.26 -6.23
CA ARG B 6 7.80 -4.59 -5.10
C ARG B 6 8.69 -4.89 -3.89
N ILE B 7 9.24 -3.83 -3.30
CA ILE B 7 10.27 -3.96 -2.26
C ILE B 7 9.73 -3.53 -0.93
N GLY B 8 9.86 -4.38 0.08
CA GLY B 8 9.56 -4.02 1.45
C GLY B 8 10.83 -3.54 2.12
N TYR B 9 10.77 -2.35 2.68
CA TYR B 9 11.92 -1.81 3.42
C TYR B 9 11.53 -1.30 4.81
N GLN B 10 12.55 -1.05 5.62
CA GLN B 10 12.32 -0.47 6.96
C GLN B 10 13.18 0.79 6.95
N LYS B 11 12.88 1.69 7.87
CA LYS B 11 13.58 2.97 7.94
C LYS B 11 15.08 2.81 8.10
N GLY B 12 15.54 1.76 8.80
CA GLY B 12 16.98 1.45 8.97
C GLY B 12 17.56 0.52 7.93
N SER B 13 16.83 0.25 6.85
CA SER B 13 17.36 -0.58 5.76
C SER B 13 18.22 0.36 4.90
N ILE B 14 19.48 0.59 5.32
CA ILE B 14 20.27 1.70 4.77
C ILE B 14 20.45 1.62 3.24
N GLY B 15 20.88 0.48 2.75
CA GLY B 15 21.11 0.28 1.33
C GLY B 15 19.83 0.49 0.53
N MET B 16 18.71 -0.04 1.03
CA MET B 16 17.43 0.19 0.34
C MET B 16 16.99 1.66 0.36
N VAL B 17 17.10 2.32 1.52
CA VAL B 17 16.61 3.71 1.67
C VAL B 17 17.42 4.62 0.73
N LEU B 18 18.73 4.43 0.72
CA LEU B 18 19.58 5.26 -0.17
C LEU B 18 19.34 4.91 -1.64
N ALA B 19 19.14 3.64 -1.95
CA ALA B 19 18.83 3.26 -3.36
C ALA B 19 17.51 3.88 -3.78
N LYS B 20 16.51 3.87 -2.88
CA LYS B 20 15.24 4.50 -3.14
C LYS B 20 15.38 6.02 -3.37
N SER B 21 16.11 6.69 -2.48
CA SER B 21 16.28 8.16 -2.55
C SER B 21 16.91 8.57 -3.89
N HIS B 22 17.92 7.80 -4.28
CA HIS B 22 18.71 8.13 -5.46
C HIS B 22 18.15 7.51 -6.75
N GLN B 23 17.05 6.77 -6.64
CA GLN B 23 16.33 6.14 -7.78
C GLN B 23 17.20 5.17 -8.55
N LEU B 24 18.11 4.48 -7.84
CA LEU B 24 19.12 3.72 -8.55
C LEU B 24 18.49 2.58 -9.32
N LEU B 25 17.49 1.91 -8.74
CA LEU B 25 16.87 0.80 -9.43
C LEU B 25 16.01 1.22 -10.61
N GLU B 26 15.35 2.36 -10.45
CA GLU B 26 14.49 2.91 -11.49
C GLU B 26 15.36 3.31 -12.71
N LYS B 27 16.56 3.82 -12.43
CA LYS B 27 17.55 4.19 -13.45
C LYS B 27 18.27 2.99 -14.09
N ARG B 28 18.57 1.95 -13.29
CA ARG B 28 19.26 0.73 -13.77
C ARG B 28 18.34 -0.15 -14.62
N TYR B 29 17.07 -0.20 -14.22
CA TYR B 29 16.07 -1.15 -14.71
C TYR B 29 14.81 -0.40 -15.17
N PRO B 30 14.94 0.42 -16.23
CA PRO B 30 13.79 1.23 -16.60
C PRO B 30 12.62 0.41 -17.14
N GLU B 31 12.86 -0.84 -17.51
CA GLU B 31 11.76 -1.67 -18.00
C GLU B 31 11.02 -2.53 -16.96
N SER B 32 11.34 -2.33 -15.68
CA SER B 32 10.60 -2.96 -14.56
C SER B 32 9.88 -1.89 -13.78
N LYS B 33 8.66 -2.17 -13.32
CA LYS B 33 7.99 -1.23 -12.42
C LYS B 33 8.48 -1.48 -11.00
N ILE B 34 9.27 -0.55 -10.49
CA ILE B 34 9.74 -0.62 -9.10
C ILE B 34 8.74 0.09 -8.17
N SER B 35 8.31 -0.56 -7.11
CA SER B 35 7.58 0.15 -6.04
C SER B 35 8.17 -0.21 -4.67
N TRP B 36 7.88 0.65 -3.72
CA TRP B 36 8.48 0.54 -2.40
C TRP B 36 7.40 0.59 -1.33
N VAL B 37 7.47 -0.30 -0.36
CA VAL B 37 6.50 -0.33 0.75
C VAL B 37 7.25 -0.38 2.07
N GLU B 38 6.99 0.60 2.94
CA GLU B 38 7.69 0.64 4.26
C GLU B 38 6.91 -0.20 5.24
N PHE B 39 7.65 -0.96 6.00
CA PHE B 39 7.15 -1.75 7.12
C PHE B 39 7.76 -1.32 8.44
N PRO B 40 7.02 -1.51 9.54
CA PRO B 40 7.51 -1.07 10.86
C PRO B 40 8.56 -1.99 11.40
N ALA B 41 8.62 -3.25 10.92
CA ALA B 41 9.55 -4.25 11.44
C ALA B 41 9.55 -5.43 10.48
N GLY B 42 10.57 -6.26 10.60
CA GLY B 42 10.68 -7.45 9.75
C GLY B 42 9.52 -8.42 9.75
N PRO B 43 8.96 -8.77 10.94
CA PRO B 43 7.83 -9.70 10.94
C PRO B 43 6.63 -9.25 10.03
N GLN B 44 6.23 -7.99 10.16
CA GLN B 44 5.19 -7.48 9.29
C GLN B 44 5.57 -7.55 7.79
N MET B 45 6.82 -7.22 7.47
CA MET B 45 7.34 -7.31 6.09
CA MET B 45 7.29 -7.32 6.09
C MET B 45 7.23 -8.76 5.57
N LEU B 46 7.68 -9.72 6.39
CA LEU B 46 7.62 -11.12 5.96
C LEU B 46 6.21 -11.66 5.77
N GLU B 47 5.25 -11.18 6.57
CA GLU B 47 3.86 -11.54 6.36
CA GLU B 47 3.85 -11.56 6.33
C GLU B 47 3.40 -11.09 4.95
N ALA B 48 3.80 -9.87 4.57
CA ALA B 48 3.45 -9.34 3.27
C ALA B 48 4.14 -10.15 2.16
N LEU B 49 5.39 -10.55 2.39
CA LEU B 49 6.14 -11.39 1.47
C LEU B 49 5.44 -12.74 1.28
N ASN B 50 4.89 -13.27 2.38
CA ASN B 50 4.22 -14.56 2.34
C ASN B 50 2.82 -14.59 1.73
N VAL B 51 2.13 -13.45 1.71
CA VAL B 51 0.85 -13.34 0.99
C VAL B 51 1.05 -12.81 -0.42
N GLY B 52 2.30 -12.52 -0.77
CA GLY B 52 2.66 -12.19 -2.16
C GLY B 52 2.45 -10.76 -2.58
N SER B 53 2.29 -9.83 -1.62
CA SER B 53 2.06 -8.41 -1.98
C SER B 53 3.35 -7.60 -2.18
N ILE B 54 4.47 -8.16 -1.74
CA ILE B 54 5.83 -7.67 -2.07
C ILE B 54 6.70 -8.85 -2.57
N ASP B 55 7.80 -8.53 -3.24
CA ASP B 55 8.70 -9.52 -3.85
C ASP B 55 10.03 -9.70 -3.14
N LEU B 56 10.49 -8.67 -2.45
CA LEU B 56 11.85 -8.72 -1.90
C LEU B 56 11.83 -7.86 -0.65
N GLY B 57 12.52 -8.30 0.40
CA GLY B 57 12.53 -7.55 1.62
C GLY B 57 13.83 -7.68 2.37
N SER B 58 14.05 -6.69 3.24
CA SER B 58 15.23 -6.67 4.11
C SER B 58 14.80 -6.85 5.59
N THR B 59 15.48 -7.74 6.33
CA THR B 59 15.21 -7.98 7.77
CA THR B 59 15.21 -7.95 7.75
C THR B 59 16.48 -8.44 8.44
N GLY B 60 16.49 -8.47 9.78
CA GLY B 60 17.63 -9.03 10.49
C GLY B 60 17.56 -10.55 10.54
N ASP B 61 18.45 -11.15 11.34
CA ASP B 61 18.54 -12.60 11.35
C ASP B 61 17.35 -13.30 12.03
N ILE B 62 16.62 -12.60 12.89
CA ILE B 62 15.60 -13.32 13.69
C ILE B 62 14.22 -13.53 12.99
N PRO B 63 13.65 -12.45 12.41
CA PRO B 63 12.33 -12.65 11.82
C PRO B 63 12.18 -13.79 10.79
N PRO B 64 13.16 -14.02 9.90
CA PRO B 64 13.00 -15.13 8.94
C PRO B 64 12.87 -16.48 9.61
N ILE B 65 13.56 -16.66 10.73
CA ILE B 65 13.45 -17.91 11.50
C ILE B 65 11.98 -18.17 11.91
N PHE B 66 11.30 -17.15 12.48
CA PHE B 66 9.90 -17.27 12.88
C PHE B 66 9.02 -17.63 11.66
N ALA B 67 9.31 -17.02 10.51
CA ALA B 67 8.44 -17.18 9.36
C ALA B 67 8.62 -18.57 8.76
N GLN B 68 9.89 -19.01 8.69
CA GLN B 68 10.22 -20.32 8.14
CA GLN B 68 10.19 -20.31 8.13
C GLN B 68 9.75 -21.44 9.06
N ALA B 69 9.82 -21.20 10.38
CA ALA B 69 9.29 -22.17 11.35
C ALA B 69 7.79 -22.42 11.19
N ALA B 70 7.09 -21.42 10.69
CA ALA B 70 5.62 -21.51 10.46
C ALA B 70 5.30 -22.00 9.03
N GLY B 71 6.33 -22.37 8.29
CA GLY B 71 6.18 -23.04 6.99
C GLY B 71 6.33 -22.09 5.82
N ALA B 72 6.69 -20.85 6.07
CA ALA B 72 6.81 -19.89 4.97
C ALA B 72 7.97 -20.31 4.06
N ASP B 73 7.73 -20.36 2.75
CA ASP B 73 8.76 -20.78 1.80
C ASP B 73 9.47 -19.55 1.25
N LEU B 74 10.21 -18.89 2.14
CA LEU B 74 10.91 -17.63 1.79
C LEU B 74 12.38 -17.97 1.71
N VAL B 75 13.10 -17.49 0.68
CA VAL B 75 14.50 -17.90 0.54
C VAL B 75 15.45 -16.74 0.86
N TYR B 76 16.62 -17.05 1.42
CA TYR B 76 17.64 -16.03 1.69
C TYR B 76 18.41 -15.82 0.43
N VAL B 77 18.32 -14.61 -0.16
CA VAL B 77 19.01 -14.32 -1.43
C VAL B 77 20.29 -13.50 -1.20
N GLY B 78 20.48 -13.02 0.02
CA GLY B 78 21.64 -12.17 0.33
C GLY B 78 21.88 -11.98 1.80
N VAL B 79 23.14 -11.71 2.20
CA VAL B 79 23.41 -11.37 3.59
C VAL B 79 24.49 -10.25 3.68
N GLU B 80 24.43 -9.43 4.73
CA GLU B 80 25.38 -8.32 5.00
C GLU B 80 26.24 -8.70 6.17
N PRO B 81 27.42 -8.07 6.31
CA PRO B 81 28.28 -8.41 7.44
C PRO B 81 27.53 -8.11 8.75
N PRO B 82 27.86 -8.84 9.82
CA PRO B 82 27.26 -8.52 11.11
C PRO B 82 27.76 -7.12 11.58
N LYS B 83 26.98 -6.47 12.45
CA LYS B 83 27.33 -5.18 13.01
C LYS B 83 27.42 -5.26 14.51
N PRO B 84 28.50 -5.91 15.02
CA PRO B 84 28.62 -6.12 16.47
C PRO B 84 28.64 -4.82 17.29
N LYS B 85 29.12 -3.72 16.72
CA LYS B 85 29.22 -2.47 17.46
C LYS B 85 27.88 -1.75 17.53
N ALA B 86 26.86 -2.31 16.87
CA ALA B 86 25.56 -1.61 16.71
C ALA B 86 24.47 -2.16 17.62
N GLU B 87 24.77 -3.25 18.31
CA GLU B 87 23.84 -3.83 19.28
C GLU B 87 24.53 -4.11 20.60
N VAL B 88 23.92 -3.67 21.69
CA VAL B 88 24.65 -3.50 22.95
C VAL B 88 23.76 -3.82 24.14
N ILE B 89 24.40 -4.03 25.30
CA ILE B 89 23.73 -3.96 26.60
C ILE B 89 24.31 -2.72 27.29
N LEU B 90 23.41 -1.78 27.60
CA LEU B 90 23.76 -0.54 28.29
C LEU B 90 23.51 -0.60 29.79
N VAL B 91 24.40 0.04 30.55
CA VAL B 91 24.21 0.27 32.00
C VAL B 91 24.49 1.76 32.28
N ALA B 92 24.21 2.23 33.50
CA ALA B 92 24.52 3.60 33.84
C ALA B 92 26.02 3.78 33.88
N GLU B 93 26.49 4.98 33.55
CA GLU B 93 27.92 5.26 33.53
C GLU B 93 28.62 4.79 34.81
N ASN B 94 28.02 5.18 35.95
CA ASN B 94 28.62 4.96 37.27
CA ASN B 94 28.59 4.97 37.28
C ASN B 94 28.21 3.64 37.91
N SER B 95 27.60 2.77 37.11
CA SER B 95 27.07 1.49 37.57
C SER B 95 28.20 0.58 38.01
N PRO B 96 27.98 -0.18 39.09
CA PRO B 96 29.04 -1.10 39.54
C PRO B 96 29.09 -2.36 38.69
N ILE B 97 28.15 -2.51 37.77
CA ILE B 97 28.11 -3.67 36.89
C ILE B 97 29.26 -3.56 35.88
N LYS B 98 30.22 -4.48 35.95
CA LYS B 98 31.45 -4.38 35.13
C LYS B 98 31.52 -5.43 34.04
N THR B 99 30.97 -6.60 34.30
CA THR B 99 30.91 -7.67 33.32
C THR B 99 29.47 -8.10 33.20
N VAL B 100 29.18 -8.90 32.17
CA VAL B 100 27.88 -9.48 31.97
C VAL B 100 27.45 -10.34 33.16
N ALA B 101 28.39 -11.06 33.75
CA ALA B 101 28.07 -11.85 34.91
C ALA B 101 27.52 -10.99 36.06
N ASP B 102 27.97 -9.74 36.15
CA ASP B 102 27.53 -8.85 37.21
C ASP B 102 26.04 -8.51 37.04
N LEU B 103 25.41 -8.94 35.94
CA LEU B 103 23.94 -8.74 35.74
C LEU B 103 23.05 -9.73 36.50
N LYS B 104 23.66 -10.75 37.11
CA LYS B 104 22.93 -11.70 37.91
C LYS B 104 22.04 -10.99 38.91
N GLY B 105 20.74 -11.30 38.90
CA GLY B 105 19.79 -10.74 39.86
C GLY B 105 19.18 -9.41 39.49
N HIS B 106 19.70 -8.78 38.44
CA HIS B 106 19.21 -7.47 38.01
C HIS B 106 18.09 -7.60 36.96
N LYS B 107 17.23 -6.59 36.91
CA LYS B 107 16.24 -6.47 35.84
C LYS B 107 16.93 -5.94 34.57
N VAL B 108 16.82 -6.69 33.46
CA VAL B 108 17.40 -6.31 32.18
C VAL B 108 16.22 -6.14 31.24
N ALA B 109 16.10 -4.97 30.65
CA ALA B 109 14.99 -4.71 29.73
C ALA B 109 15.45 -5.08 28.29
N PHE B 110 14.54 -5.64 27.52
CA PHE B 110 14.71 -5.89 26.07
C PHE B 110 13.40 -6.34 25.47
N GLN B 111 13.31 -6.34 24.14
CA GLN B 111 12.09 -6.78 23.49
C GLN B 111 12.07 -8.28 23.22
N LYS B 112 10.98 -8.94 23.63
CA LYS B 112 10.92 -10.41 23.54
C LYS B 112 11.03 -10.82 22.06
N GLY B 113 11.82 -11.86 21.78
CA GLY B 113 11.92 -12.47 20.46
C GLY B 113 12.67 -11.64 19.44
N SER B 114 13.30 -10.55 19.89
CA SER B 114 14.07 -9.62 19.05
C SER B 114 15.56 -9.97 18.98
N SER B 115 16.30 -9.18 18.19
CA SER B 115 17.77 -9.26 18.16
C SER B 115 18.46 -9.12 19.55
N SER B 116 17.92 -8.27 20.42
CA SER B 116 18.47 -8.11 21.77
C SER B 116 18.20 -9.33 22.62
N HIS B 117 17.08 -10.01 22.39
CA HIS B 117 16.81 -11.26 23.04
C HIS B 117 17.86 -12.29 22.64
N ASN B 118 18.13 -12.38 21.34
CA ASN B 118 19.19 -13.26 20.87
C ASN B 118 20.55 -12.84 21.46
N LEU B 119 20.88 -11.52 21.43
CA LEU B 119 22.13 -11.02 22.01
CA LEU B 119 22.15 -11.06 21.98
C LEU B 119 22.26 -11.45 23.47
N LEU B 120 21.16 -11.28 24.21
CA LEU B 120 21.20 -11.55 25.63
C LEU B 120 21.41 -13.02 25.94
N LEU B 121 20.69 -13.89 25.24
CA LEU B 121 20.87 -15.32 25.43
C LEU B 121 22.34 -15.74 25.28
N ARG B 122 23.00 -15.18 24.28
CA ARG B 122 24.39 -15.53 23.98
CA ARG B 122 24.36 -15.59 24.00
C ARG B 122 25.35 -14.95 24.97
N ALA B 123 25.09 -13.71 25.35
CA ALA B 123 25.94 -13.05 26.34
C ALA B 123 25.86 -13.73 27.70
N LEU B 124 24.64 -14.09 28.13
CA LEU B 124 24.51 -14.73 29.44
C LEU B 124 25.23 -16.06 29.45
N ARG B 125 25.00 -16.89 28.42
CA ARG B 125 25.69 -18.19 28.36
CA ARG B 125 25.68 -18.18 28.27
C ARG B 125 27.20 -17.97 28.41
N GLN B 126 27.69 -17.06 27.60
CA GLN B 126 29.12 -16.82 27.60
C GLN B 126 29.67 -16.40 28.97
N ALA B 127 28.85 -15.72 29.75
CA ALA B 127 29.23 -15.19 31.06
C ALA B 127 29.03 -16.20 32.18
N GLY B 128 28.44 -17.35 31.84
CA GLY B 128 28.24 -18.43 32.81
C GLY B 128 26.97 -18.24 33.57
N LEU B 129 26.01 -17.56 32.96
CA LEU B 129 24.74 -17.34 33.58
C LEU B 129 23.65 -18.04 32.81
N LYS B 130 22.61 -18.50 33.50
CA LYS B 130 21.39 -18.99 32.83
C LYS B 130 20.48 -17.81 32.58
N PHE B 131 19.57 -17.94 31.61
CA PHE B 131 18.51 -16.96 31.41
C PHE B 131 17.70 -16.70 32.69
N THR B 132 17.53 -17.75 33.48
CA THR B 132 16.79 -17.67 34.76
C THR B 132 17.61 -16.98 35.87
N ASP B 133 18.89 -16.67 35.59
CA ASP B 133 19.77 -15.99 36.55
C ASP B 133 19.60 -14.45 36.54
N ILE B 134 18.81 -13.95 35.60
CA ILE B 134 18.45 -12.53 35.55
C ILE B 134 16.92 -12.41 35.70
N GLN B 135 16.40 -11.18 35.76
CA GLN B 135 14.96 -10.97 35.77
C GLN B 135 14.61 -10.33 34.42
N PRO B 136 14.25 -11.17 33.42
CA PRO B 136 13.98 -10.56 32.10
C PRO B 136 12.81 -9.62 32.22
N THR B 137 12.99 -8.43 31.66
CA THR B 137 11.95 -7.42 31.67
C THR B 137 11.56 -7.07 30.21
N TYR B 138 10.47 -7.69 29.73
CA TYR B 138 10.07 -7.59 28.33
C TYR B 138 9.40 -6.25 28.02
N LEU B 139 10.07 -5.44 27.19
CA LEU B 139 9.62 -4.08 26.93
C LEU B 139 10.02 -3.70 25.52
N THR B 140 9.12 -3.01 24.84
CA THR B 140 9.48 -2.43 23.54
C THR B 140 10.44 -1.26 23.81
N PRO B 141 11.16 -0.77 22.76
CA PRO B 141 12.20 0.24 22.96
C PRO B 141 11.83 1.55 23.68
N ALA B 142 10.73 2.19 23.29
CA ALA B 142 10.29 3.43 23.94
C ALA B 142 10.00 3.26 25.44
N ASP B 143 9.37 2.15 25.82
CA ASP B 143 9.08 1.84 27.22
C ASP B 143 10.34 1.48 27.99
N ALA B 144 11.20 0.70 27.34
CA ALA B 144 12.46 0.32 27.93
C ALA B 144 13.33 1.53 28.18
N ARG B 145 13.36 2.46 27.22
CA ARG B 145 14.12 3.71 27.36
C ARG B 145 13.68 4.49 28.59
N ALA B 146 12.37 4.55 28.82
CA ALA B 146 11.78 5.19 29.99
C ALA B 146 12.19 4.48 31.28
N ALA B 147 12.05 3.15 31.29
CA ALA B 147 12.27 2.37 32.49
C ALA B 147 13.73 2.46 32.91
N PHE B 148 14.61 2.50 31.91
CA PHE B 148 16.05 2.59 32.12
C PHE B 148 16.46 3.96 32.68
N GLN B 149 16.00 5.03 32.04
CA GLN B 149 16.21 6.40 32.51
C GLN B 149 15.73 6.58 33.95
N GLN B 150 14.50 6.12 34.23
CA GLN B 150 13.88 6.27 35.54
CA GLN B 150 13.87 6.24 35.54
C GLN B 150 14.56 5.40 36.61
N GLY B 151 15.35 4.42 36.18
CA GLY B 151 16.03 3.53 37.10
C GLY B 151 15.18 2.32 37.49
N ASN B 152 14.14 2.04 36.70
CA ASN B 152 13.26 0.89 36.95
C ASN B 152 13.97 -0.41 36.57
N VAL B 153 14.93 -0.31 35.64
CA VAL B 153 15.80 -1.44 35.27
C VAL B 153 17.28 -1.04 35.30
N ASP B 154 18.14 -2.04 35.49
CA ASP B 154 19.58 -1.81 35.63
C ASP B 154 20.37 -1.94 34.31
N ALA B 155 19.75 -2.56 33.31
CA ALA B 155 20.41 -2.74 32.00
C ALA B 155 19.40 -2.75 30.89
N TRP B 156 19.85 -2.49 29.65
CA TRP B 156 18.93 -2.43 28.52
C TRP B 156 19.64 -2.97 27.30
N ALA B 157 19.16 -4.10 26.79
CA ALA B 157 19.76 -4.65 25.56
C ALA B 157 18.99 -4.06 24.42
N ILE B 158 19.68 -3.50 23.43
CA ILE B 158 19.01 -2.64 22.45
C ILE B 158 19.90 -2.45 21.24
N TRP B 159 19.27 -2.12 20.11
CA TRP B 159 19.93 -1.93 18.84
C TRP B 159 20.02 -0.46 18.42
N ASP B 160 20.90 -0.15 17.49
CA ASP B 160 20.95 1.19 16.88
C ASP B 160 19.73 1.45 16.02
N PRO B 161 19.22 2.71 15.95
CA PRO B 161 19.81 3.91 16.52
C PRO B 161 19.36 4.24 17.93
N TYR B 162 18.53 3.42 18.57
CA TYR B 162 18.16 3.68 19.98
C TYR B 162 19.42 3.74 20.84
N TYR B 163 20.38 2.86 20.54
CA TYR B 163 21.67 2.83 21.22
C TYR B 163 22.38 4.18 21.08
N SER B 164 22.62 4.63 19.85
CA SER B 164 23.31 5.92 19.66
C SER B 164 22.55 7.08 20.30
N ALA B 165 21.24 7.08 20.17
CA ALA B 165 20.45 8.16 20.79
C ALA B 165 20.72 8.22 22.32
N ALA B 166 20.64 7.08 23.03
CA ALA B 166 20.87 7.00 24.47
C ALA B 166 22.27 7.44 24.82
N LEU B 167 23.25 6.90 24.07
CA LEU B 167 24.68 7.21 24.27
C LEU B 167 24.98 8.72 24.25
N LEU B 168 24.51 9.39 23.20
CA LEU B 168 24.84 10.81 22.99
C LEU B 168 24.10 11.71 23.96
N GLN B 169 23.01 11.19 24.51
CA GLN B 169 22.31 11.92 25.55
C GLN B 169 23.01 11.88 26.93
N GLY B 170 23.98 10.95 27.08
CA GLY B 170 24.88 10.91 28.22
C GLY B 170 24.41 10.01 29.33
N GLY B 171 25.31 9.68 30.24
CA GLY B 171 24.95 8.95 31.47
C GLY B 171 24.93 7.42 31.36
N VAL B 172 25.15 6.90 30.16
CA VAL B 172 25.16 5.44 29.92
C VAL B 172 26.48 4.97 29.30
N ARG B 173 26.82 3.72 29.56
CA ARG B 173 27.97 3.11 28.88
C ARG B 173 27.63 1.71 28.41
N VAL B 174 28.37 1.25 27.43
CA VAL B 174 28.21 -0.09 26.89
C VAL B 174 28.91 -1.10 27.80
N LEU B 175 28.11 -1.97 28.38
CA LEU B 175 28.63 -3.06 29.20
C LEU B 175 29.18 -4.13 28.28
N LYS B 176 28.49 -4.36 27.17
CA LYS B 176 28.86 -5.45 26.27
C LYS B 176 28.29 -5.23 24.92
N ASP B 177 29.05 -5.53 23.88
CA ASP B 177 28.48 -5.41 22.51
C ASP B 177 28.51 -6.78 21.81
N GLY B 178 28.31 -6.78 20.50
CA GLY B 178 28.18 -8.05 19.80
C GLY B 178 29.50 -8.70 19.41
N THR B 179 30.62 -8.07 19.76
CA THR B 179 31.95 -8.46 19.27
C THR B 179 32.31 -9.90 19.63
N ASP B 180 32.00 -10.30 20.88
CA ASP B 180 32.51 -11.61 21.39
C ASP B 180 31.45 -12.63 21.15
N LEU B 181 30.41 -12.22 20.43
CA LEU B 181 29.19 -13.03 20.31
C LEU B 181 28.89 -13.58 18.92
N ASN B 182 29.86 -13.45 18.02
CA ASN B 182 29.83 -14.19 16.74
C ASN B 182 28.50 -14.03 15.95
N GLN B 183 28.12 -12.79 15.70
CA GLN B 183 26.85 -12.46 15.06
C GLN B 183 26.79 -12.81 13.56
N THR B 184 25.57 -12.91 13.02
CA THR B 184 25.33 -13.52 11.66
C THR B 184 25.31 -12.56 10.46
N GLY B 185 24.63 -11.42 10.63
CA GLY B 185 24.47 -10.41 9.56
C GLY B 185 22.99 -10.22 9.23
N SER B 186 22.59 -9.17 8.52
CA SER B 186 21.13 -9.00 8.22
C SER B 186 20.91 -9.58 6.81
N PHE B 187 19.66 -9.92 6.49
CA PHE B 187 19.38 -10.66 5.25
C PHE B 187 18.45 -9.97 4.30
N TYR B 188 18.46 -10.44 3.05
CA TYR B 188 17.49 -10.12 2.03
C TYR B 188 16.77 -11.42 1.66
N LEU B 189 15.46 -11.34 1.61
CA LEU B 189 14.61 -12.50 1.36
C LEU B 189 13.68 -12.23 0.21
N ALA B 190 13.40 -13.28 -0.59
CA ALA B 190 12.37 -13.26 -1.65
C ALA B 190 11.52 -14.52 -1.51
N ALA B 191 10.32 -14.57 -2.11
CA ALA B 191 9.52 -15.81 -2.21
C ALA B 191 10.23 -16.75 -3.13
N ARG B 192 10.19 -18.04 -2.84
CA ARG B 192 10.94 -19.01 -3.64
C ARG B 192 10.73 -18.88 -5.16
N PRO B 193 9.47 -18.73 -5.62
CA PRO B 193 9.32 -18.76 -7.07
C PRO B 193 9.82 -17.48 -7.74
N TYR B 194 9.71 -16.34 -7.06
CA TYR B 194 10.30 -15.09 -7.56
C TYR B 194 11.83 -15.22 -7.64
N ALA B 195 12.45 -15.79 -6.61
CA ALA B 195 13.90 -16.06 -6.63
C ALA B 195 14.36 -17.09 -7.68
N GLU B 196 13.63 -18.18 -7.87
CA GLU B 196 13.96 -19.14 -8.91
C GLU B 196 13.92 -18.51 -10.30
N LYS B 197 12.84 -17.79 -10.60
CA LYS B 197 12.64 -17.16 -11.91
C LYS B 197 13.55 -15.96 -12.22
N ASN B 198 13.83 -15.15 -11.20
CA ASN B 198 14.58 -13.91 -11.39
C ASN B 198 15.82 -13.88 -10.54
N GLY B 199 16.53 -15.00 -10.49
CA GLY B 199 17.64 -15.16 -9.58
C GLY B 199 18.76 -14.18 -9.85
N ALA B 200 19.16 -14.09 -11.12
CA ALA B 200 20.23 -13.19 -11.55
C ALA B 200 19.86 -11.74 -11.32
N PHE B 201 18.64 -11.41 -11.71
CA PHE B 201 18.13 -10.02 -11.58
C PHE B 201 18.16 -9.54 -10.11
N ILE B 202 17.75 -10.41 -9.19
CA ILE B 202 17.86 -10.11 -7.75
C ILE B 202 19.31 -9.86 -7.34
N GLN B 203 20.25 -10.67 -7.83
CA GLN B 203 21.65 -10.39 -7.49
C GLN B 203 22.11 -8.97 -7.94
N GLY B 204 21.61 -8.51 -9.09
CA GLY B 204 21.87 -7.14 -9.59
C GLY B 204 21.23 -6.11 -8.67
N VAL B 205 19.97 -6.33 -8.29
CA VAL B 205 19.29 -5.47 -7.29
C VAL B 205 20.10 -5.36 -6.00
N LEU B 206 20.49 -6.51 -5.45
CA LEU B 206 21.31 -6.47 -4.23
C LEU B 206 22.62 -5.67 -4.47
N ALA B 207 23.29 -5.85 -5.62
CA ALA B 207 24.52 -5.10 -5.95
C ALA B 207 24.27 -3.60 -5.94
N THR B 208 23.11 -3.18 -6.43
CA THR B 208 22.69 -1.78 -6.34
C THR B 208 22.45 -1.31 -4.87
N PHE B 209 21.87 -2.19 -4.04
CA PHE B 209 21.71 -1.81 -2.61
C PHE B 209 23.08 -1.61 -1.98
N SER B 210 24.04 -2.43 -2.40
CA SER B 210 25.41 -2.35 -1.87
C SER B 210 26.13 -1.07 -2.27
N GLU B 211 25.97 -0.72 -3.54
CA GLU B 211 26.44 0.53 -4.12
C GLU B 211 25.85 1.74 -3.36
N ALA B 212 24.54 1.69 -3.07
CA ALA B 212 23.84 2.77 -2.37
C ALA B 212 24.32 2.86 -0.93
N ASP B 213 24.54 1.71 -0.31
CA ASP B 213 25.07 1.72 1.04
C ASP B 213 26.48 2.37 1.05
N ALA B 214 27.29 2.13 0.03
CA ALA B 214 28.62 2.73 -0.02
C ALA B 214 28.62 4.26 -0.15
N LEU B 215 27.50 4.84 -0.58
CA LEU B 215 27.38 6.30 -0.53
C LEU B 215 27.52 6.84 0.90
N THR B 216 27.19 6.05 1.93
CA THR B 216 27.41 6.51 3.30
C THR B 216 28.88 6.79 3.55
N ARG B 217 29.75 6.13 2.78
CA ARG B 217 31.20 6.33 2.88
CA ARG B 217 31.18 6.39 2.91
C ARG B 217 31.71 7.39 1.88
N SER B 218 31.25 7.35 0.63
CA SER B 218 31.78 8.31 -0.39
C SER B 218 31.07 9.67 -0.40
N GLN B 219 29.84 9.69 0.08
CA GLN B 219 29.02 10.89 0.14
C GLN B 219 28.39 10.96 1.53
N ARG B 220 29.26 10.97 2.53
CA ARG B 220 28.81 10.91 3.90
C ARG B 220 27.88 12.06 4.31
N GLU B 221 28.27 13.28 3.98
CA GLU B 221 27.44 14.43 4.33
C GLU B 221 26.03 14.33 3.75
N GLN B 222 25.94 14.05 2.45
CA GLN B 222 24.65 13.91 1.80
C GLN B 222 23.88 12.74 2.37
N SER B 223 24.58 11.63 2.62
CA SER B 223 23.86 10.45 3.15
C SER B 223 23.33 10.69 4.54
N ILE B 224 24.11 11.38 5.37
CA ILE B 224 23.65 11.72 6.71
C ILE B 224 22.38 12.54 6.60
N ALA B 225 22.36 13.50 5.70
CA ALA B 225 21.17 14.35 5.58
C ALA B 225 19.96 13.54 5.19
N LEU B 226 20.14 12.62 4.21
CA LEU B 226 19.00 11.79 3.75
C LEU B 226 18.48 10.88 4.87
N LEU B 227 19.40 10.16 5.55
CA LEU B 227 19.02 9.24 6.64
C LEU B 227 18.44 9.97 7.86
N ALA B 228 18.96 11.16 8.20
CA ALA B 228 18.44 11.92 9.35
C ALA B 228 16.98 12.24 9.10
N LYS B 229 16.68 12.62 7.87
CA LYS B 229 15.31 13.06 7.57
C LYS B 229 14.35 11.87 7.49
N THR B 230 14.75 10.82 6.80
CA THR B 230 13.90 9.62 6.71
C THR B 230 13.70 8.99 8.09
N MET B 231 14.73 8.93 8.93
CA MET B 231 14.57 8.40 10.29
C MET B 231 14.01 9.36 11.31
N GLY B 232 14.07 10.67 11.01
CA GLY B 232 13.61 11.73 11.91
C GLY B 232 14.51 11.90 13.11
N LEU B 233 15.82 11.84 12.88
CA LEU B 233 16.75 11.87 14.03
C LEU B 233 17.78 12.95 13.81
N PRO B 234 18.43 13.42 14.89
CA PRO B 234 19.47 14.44 14.69
C PRO B 234 20.67 13.90 13.92
N ALA B 235 21.34 14.77 13.16
CA ALA B 235 22.53 14.34 12.38
C ALA B 235 23.62 13.66 13.23
N PRO B 236 23.90 14.17 14.46
CA PRO B 236 24.97 13.48 15.19
C PRO B 236 24.56 12.07 15.57
N VAL B 237 23.26 11.79 15.72
CA VAL B 237 22.82 10.43 16.00
C VAL B 237 23.05 9.52 14.79
N ILE B 238 22.78 10.04 13.58
CA ILE B 238 23.02 9.27 12.35
C ILE B 238 24.53 9.05 12.15
N ALA B 239 25.33 10.04 12.50
CA ALA B 239 26.78 9.92 12.29
C ALA B 239 27.24 8.77 13.15
N SER B 240 26.74 8.74 14.39
CA SER B 240 27.12 7.69 15.34
C SER B 240 26.66 6.32 14.85
N TYR B 241 25.43 6.25 14.37
CA TYR B 241 24.86 5.02 13.77
C TYR B 241 25.74 4.51 12.63
N LEU B 242 26.15 5.40 11.72
CA LEU B 242 27.05 4.97 10.65
C LEU B 242 28.42 4.55 11.11
N ASP B 243 28.94 5.17 12.17
CA ASP B 243 30.25 4.83 12.70
C ASP B 243 30.30 3.43 13.36
N HIS B 244 29.13 2.87 13.66
CA HIS B 244 29.05 1.56 14.31
C HIS B 244 28.91 0.42 13.29
N ARG B 245 28.95 0.76 12.00
CA ARG B 245 28.72 -0.23 10.92
C ARG B 245 30.06 -0.49 10.18
N PRO B 246 30.32 -1.75 9.80
CA PRO B 246 31.47 -2.07 8.94
C PRO B 246 31.10 -1.73 7.51
N PRO B 247 32.10 -1.66 6.61
CA PRO B 247 31.71 -1.44 5.21
C PRO B 247 30.78 -2.59 4.80
N THR B 248 29.76 -2.25 4.02
CA THR B 248 28.74 -3.23 3.61
C THR B 248 29.14 -3.98 2.36
N THR B 249 28.85 -5.27 2.35
CA THR B 249 28.87 -6.06 1.13
C THR B 249 27.54 -6.81 1.18
N ILE B 250 26.98 -7.19 0.04
CA ILE B 250 25.84 -8.12 0.05
C ILE B 250 26.24 -9.29 -0.80
N LYS B 251 26.21 -10.47 -0.20
CA LYS B 251 26.67 -11.67 -0.88
C LYS B 251 25.67 -12.78 -0.70
N PRO B 252 25.60 -13.74 -1.65
CA PRO B 252 24.80 -14.94 -1.34
C PRO B 252 25.28 -15.58 -0.02
N VAL B 253 24.38 -16.30 0.62
CA VAL B 253 24.65 -16.82 1.95
C VAL B 253 25.58 -18.02 1.80
N ASN B 254 26.77 -17.92 2.42
CA ASN B 254 27.76 -18.97 2.38
C ASN B 254 27.60 -19.97 3.54
N ALA B 255 28.47 -20.98 3.54
CA ALA B 255 28.25 -22.12 4.42
C ALA B 255 28.42 -21.74 5.89
N GLU B 256 29.37 -20.84 6.15
CA GLU B 256 29.67 -20.38 7.49
C GLU B 256 28.51 -19.56 8.05
N VAL B 257 27.98 -18.66 7.21
CA VAL B 257 26.82 -17.86 7.64
C VAL B 257 25.58 -18.73 7.82
N ALA B 258 25.37 -19.68 6.89
CA ALA B 258 24.32 -20.68 7.00
C ALA B 258 24.41 -21.42 8.34
N ALA B 259 25.65 -21.76 8.73
CA ALA B 259 25.87 -22.52 9.93
C ALA B 259 25.48 -21.68 11.14
N LEU B 260 25.86 -20.40 11.11
CA LEU B 260 25.54 -19.46 12.18
C LEU B 260 24.03 -19.29 12.29
N GLN B 261 23.38 -19.11 11.14
CA GLN B 261 21.92 -18.94 11.15
C GLN B 261 21.19 -20.20 11.65
N GLN B 262 21.76 -21.38 11.39
CA GLN B 262 21.17 -22.62 11.88
C GLN B 262 21.30 -22.74 13.40
N GLN B 263 22.45 -22.35 13.94
CA GLN B 263 22.66 -22.30 15.39
C GLN B 263 21.60 -21.40 16.05
N THR B 264 21.34 -20.21 15.49
CA THR B 264 20.32 -19.34 16.07
C THR B 264 18.94 -19.98 15.97
N ALA B 265 18.64 -20.60 14.81
CA ALA B 265 17.38 -21.31 14.64
C ALA B 265 17.22 -22.41 15.67
N ASP B 266 18.27 -23.22 15.85
CA ASP B 266 18.26 -24.27 16.88
C ASP B 266 18.12 -23.64 18.28
N LEU B 267 18.88 -22.58 18.57
CA LEU B 267 18.81 -21.87 19.86
C LEU B 267 17.38 -21.38 20.17
N PHE B 268 16.72 -20.80 19.16
CA PHE B 268 15.33 -20.33 19.35
C PHE B 268 14.35 -21.50 19.47
N TYR B 269 14.62 -22.62 18.80
CA TYR B 269 13.71 -23.75 18.94
C TYR B 269 13.89 -24.34 20.34
N GLU B 270 15.14 -24.46 20.76
CA GLU B 270 15.44 -25.06 22.06
CA GLU B 270 15.47 -25.06 22.06
C GLU B 270 14.90 -24.21 23.19
N ASN B 271 14.75 -22.91 22.96
CA ASN B 271 14.14 -22.02 23.95
C ASN B 271 12.63 -21.84 23.71
N ARG B 272 12.07 -22.64 22.81
CA ARG B 272 10.62 -22.67 22.49
C ARG B 272 10.03 -21.37 21.92
N LEU B 273 10.89 -20.55 21.30
CA LEU B 273 10.45 -19.26 20.76
C LEU B 273 9.80 -19.45 19.39
N VAL B 274 10.19 -20.53 18.71
CA VAL B 274 9.56 -20.97 17.47
C VAL B 274 9.17 -22.45 17.66
N PRO B 275 8.08 -22.91 17.00
CA PRO B 275 7.55 -24.28 17.18
C PRO B 275 8.24 -25.43 16.47
N LYS B 276 9.06 -25.17 15.46
CA LYS B 276 9.68 -26.24 14.65
C LYS B 276 11.17 -25.97 14.48
N LYS B 277 11.92 -27.06 14.32
CA LYS B 277 13.32 -26.98 13.92
C LYS B 277 13.33 -26.69 12.42
N VAL B 278 14.18 -25.78 12.00
CA VAL B 278 14.17 -25.31 10.63
C VAL B 278 15.43 -25.80 9.94
N ASP B 279 15.34 -26.12 8.65
CA ASP B 279 16.56 -26.50 7.93
C ASP B 279 17.02 -25.29 7.13
N ILE B 280 17.90 -24.48 7.73
CA ILE B 280 18.25 -23.20 7.11
C ILE B 280 18.80 -23.41 5.70
N ARG B 281 19.61 -24.46 5.50
CA ARG B 281 20.26 -24.61 4.20
C ARG B 281 19.26 -24.91 3.09
N GLN B 282 18.11 -25.46 3.45
CA GLN B 282 17.06 -25.72 2.48
C GLN B 282 16.50 -24.42 1.90
N ARG B 283 16.76 -23.30 2.60
CA ARG B 283 16.13 -22.06 2.24
C ARG B 283 17.10 -21.04 1.66
N ILE B 284 18.33 -21.44 1.42
CA ILE B 284 19.32 -20.53 0.87
C ILE B 284 19.21 -20.62 -0.64
N TRP B 285 18.98 -19.48 -1.30
CA TRP B 285 19.02 -19.44 -2.76
C TRP B 285 20.46 -19.69 -3.22
N GLN B 286 20.60 -20.47 -4.30
CA GLN B 286 21.91 -20.92 -4.82
C GLN B 286 22.35 -20.28 -6.15
N ASN B 304 9.01 4.25 16.68
CA ASN B 304 9.71 3.61 15.54
C ASN B 304 10.66 2.47 15.99
N LEU B 305 10.60 1.30 15.36
CA LEU B 305 11.61 0.25 15.64
C LEU B 305 12.88 0.36 14.78
N TYR B 306 12.75 1.05 13.64
CA TYR B 306 13.84 1.29 12.68
C TYR B 306 14.35 0.07 11.92
N PHE B 307 14.77 -0.97 12.65
N PHE B 307 -26.12 13.53 0.08
CA PHE B 307 15.20 -2.18 11.99
CA PHE B 307 -26.72 12.56 1.09
C PHE B 307 15.15 -3.40 12.89
C PHE B 307 -26.33 12.86 2.55
N GLN B 308 14.39 -4.39 12.44
N GLN B 308 -27.27 12.52 3.45
CA GLN B 308 14.40 -5.69 13.08
CA GLN B 308 -27.24 12.59 4.94
C GLN B 308 14.33 -6.79 12.00
C GLN B 308 -27.00 13.94 5.63
#